data_2IJL
#
_entry.id   2IJL
#
_cell.length_a   40.719
_cell.length_b   79.536
_cell.length_c   43.994
_cell.angle_alpha   90.00
_cell.angle_beta   106.70
_cell.angle_gamma   90.00
#
_symmetry.space_group_name_H-M   'P 1 21 1'
#
loop_
_entity.id
_entity.type
_entity.pdbx_description
1 polymer 'Molybdenum-binding transcriptional repressor'
2 non-polymer 'SULFATE ION'
3 non-polymer 1,2-ETHANEDIOL
4 water water
#
_entity_poly.entity_id   1
_entity_poly.type   'polypeptide(L)'
_entity_poly.pdbx_seq_one_letter_code
;GH(MSE)SEKRLPLKPVLRIDFPPGERLGHGKVEL(MSE)QLIAETGSISAAGRA(MSE)D(MSE)SYRRAWLLVDALNH
(MSE)FRQPVICSQRGGKQGGGAALTVFGAELLERYRG(MSE)EER(MSE)NEALREDIDWLEANRNPQDALNRDREPPT
LGS
;
_entity_poly.pdbx_strand_id   A,B
#
loop_
_chem_comp.id
_chem_comp.type
_chem_comp.name
_chem_comp.formula
EDO non-polymer 1,2-ETHANEDIOL 'C2 H6 O2'
SO4 non-polymer 'SULFATE ION' 'O4 S -2'
#
# COMPACT_ATOMS: atom_id res chain seq x y z
N LYS A 6 -23.63 -7.44 6.54
CA LYS A 6 -22.67 -6.30 6.63
C LYS A 6 -21.23 -6.76 6.36
N ARG A 7 -20.52 -6.04 5.51
CA ARG A 7 -19.07 -6.18 5.55
C ARG A 7 -18.48 -4.83 5.86
N LEU A 8 -17.17 -4.84 6.04
CA LEU A 8 -16.46 -3.63 6.40
C LEU A 8 -16.44 -2.67 5.22
N PRO A 9 -16.24 -1.37 5.48
CA PRO A 9 -16.13 -0.43 4.37
C PRO A 9 -14.85 -0.64 3.56
N LEU A 10 -14.84 -0.09 2.33
CA LEU A 10 -13.63 0.00 1.53
C LEU A 10 -12.70 0.89 2.28
N LYS A 11 -11.42 0.68 2.11
CA LYS A 11 -10.46 1.38 2.93
C LYS A 11 -9.13 1.57 2.16
N PRO A 12 -8.73 2.82 1.92
CA PRO A 12 -7.40 3.03 1.34
C PRO A 12 -6.29 2.77 2.38
N VAL A 13 -5.16 2.25 1.94
CA VAL A 13 -3.98 2.01 2.78
C VAL A 13 -2.78 2.61 2.05
N LEU A 14 -1.91 3.23 2.81
CA LEU A 14 -0.78 3.96 2.29
C LEU A 14 0.49 3.21 2.62
N ARG A 15 1.43 3.25 1.68
CA ARG A 15 2.82 2.88 1.93
C ARG A 15 3.66 3.92 1.19
N ILE A 16 4.85 4.22 1.69
CA ILE A 16 5.76 5.12 0.99
C ILE A 16 7.00 4.36 0.61
N ASP A 17 7.37 4.44 -0.67
CA ASP A 17 8.55 3.82 -1.17
C ASP A 17 9.74 4.70 -0.80
N PHE A 18 10.77 4.10 -0.20
CA PHE A 18 12.08 4.76 -0.01
C PHE A 18 13.12 4.09 -0.94
N PRO A 19 13.16 4.50 -2.22
CA PRO A 19 14.04 3.88 -3.21
C PRO A 19 15.53 4.04 -2.85
N PRO A 20 16.37 3.04 -3.19
CA PRO A 20 16.00 1.86 -3.98
C PRO A 20 15.41 0.76 -3.13
N GLY A 21 15.95 0.58 -1.92
CA GLY A 21 15.69 -0.67 -1.21
C GLY A 21 14.52 -0.70 -0.23
N GLU A 22 13.91 0.43 0.09
CA GLU A 22 13.15 0.52 1.31
C GLU A 22 11.67 0.91 1.22
N ARG A 23 10.92 0.57 2.25
CA ARG A 23 9.51 0.92 2.33
C ARG A 23 9.12 1.32 3.74
N LEU A 24 8.14 2.21 3.83
CA LEU A 24 7.50 2.54 5.11
C LEU A 24 6.00 2.39 4.99
N GLY A 25 5.47 1.37 5.61
CA GLY A 25 4.08 1.06 5.48
C GLY A 25 3.60 0.30 6.69
N HIS A 26 2.54 -0.46 6.48
CA HIS A 26 1.82 -1.04 7.59
C HIS A 26 2.74 -1.80 8.54
N GLY A 27 3.69 -2.56 8.04
CA GLY A 27 4.52 -3.34 8.94
C GLY A 27 5.40 -2.52 9.84
N LYS A 28 6.05 -1.48 9.33
CA LYS A 28 6.91 -0.69 10.20
C LYS A 28 6.14 0.24 11.15
N VAL A 29 4.99 0.75 10.68
CA VAL A 29 4.14 1.58 11.50
C VAL A 29 3.54 0.81 12.69
N GLU A 30 3.07 -0.40 12.41
CA GLU A 30 2.54 -1.24 13.44
C GLU A 30 3.64 -1.58 14.48
N LEU A 31 4.81 -2.00 14.04
CA LEU A 31 5.93 -2.18 14.95
C LEU A 31 6.18 -0.97 15.86
N MSE A 32 6.22 0.22 15.26
CA MSE A 32 6.39 1.47 16.02
C MSE A 32 5.28 1.69 17.03
O MSE A 32 5.55 2.01 18.20
CB MSE A 32 6.46 2.67 15.07
CG MSE A 32 7.74 2.77 14.27
SE MSE A 32 7.73 4.48 13.28
CE MSE A 32 6.82 3.91 11.66
N GLN A 33 4.04 1.50 16.60
CA GLN A 33 2.86 1.65 17.48
C GLN A 33 2.96 0.65 18.64
N LEU A 34 3.41 -0.56 18.35
CA LEU A 34 3.46 -1.63 19.30
C LEU A 34 4.63 -1.42 20.26
N ILE A 35 5.71 -0.81 19.78
CA ILE A 35 6.82 -0.43 20.67
C ILE A 35 6.39 0.66 21.63
N ALA A 36 5.63 1.64 21.10
CA ALA A 36 5.09 2.71 21.96
C ALA A 36 4.21 2.11 23.02
N GLU A 37 3.53 1.01 22.69
CA GLU A 37 2.53 0.47 23.63
C GLU A 37 3.09 -0.52 24.63
N THR A 38 4.08 -1.30 24.24
CA THR A 38 4.58 -2.38 25.10
C THR A 38 5.98 -2.10 25.62
N GLY A 39 6.69 -1.21 24.93
CA GLY A 39 8.08 -0.90 25.23
C GLY A 39 9.06 -2.01 24.92
N SER A 40 8.70 -2.89 23.99
CA SER A 40 9.47 -4.10 23.76
C SER A 40 9.48 -4.49 22.26
N ILE A 41 10.66 -4.75 21.72
CA ILE A 41 10.82 -5.22 20.34
C ILE A 41 10.40 -6.67 20.26
N SER A 42 10.78 -7.48 21.24
CA SER A 42 10.38 -8.89 21.18
C SER A 42 8.86 -9.09 21.25
N ALA A 43 8.19 -8.29 22.06
CA ALA A 43 6.72 -8.28 22.20
C ALA A 43 6.02 -7.89 20.89
N ALA A 44 6.48 -6.77 20.30
CA ALA A 44 5.98 -6.33 19.00
C ALA A 44 6.15 -7.46 17.94
N GLY A 45 7.34 -8.05 17.86
CA GLY A 45 7.60 -9.15 16.90
C GLY A 45 6.65 -10.30 17.11
N ARG A 46 6.55 -10.75 18.36
CA ARG A 46 5.55 -11.74 18.77
C ARG A 46 4.12 -11.38 18.32
N ALA A 47 3.66 -10.18 18.63
CA ALA A 47 2.36 -9.71 18.16
C ALA A 47 2.17 -9.87 16.64
N MSE A 48 3.21 -9.53 15.89
CA MSE A 48 3.16 -9.58 14.44
C MSE A 48 3.55 -10.91 13.85
O MSE A 48 3.80 -11.00 12.64
CB MSE A 48 4.07 -8.50 13.90
CG MSE A 48 3.62 -7.12 14.34
SE MSE A 48 4.66 -5.74 13.46
CE MSE A 48 6.43 -6.00 14.32
N ASP A 49 3.66 -11.94 14.69
CA ASP A 49 4.03 -13.29 14.24
C ASP A 49 5.33 -13.40 13.46
N MSE A 50 6.40 -12.81 13.96
CA MSE A 50 7.68 -12.94 13.31
C MSE A 50 8.76 -13.16 14.36
O MSE A 50 8.55 -12.89 15.54
CB MSE A 50 7.99 -11.72 12.42
CG MSE A 50 7.84 -10.39 13.10
SE MSE A 50 8.35 -8.81 11.96
CE MSE A 50 6.69 -8.68 10.88
N SER A 51 9.89 -13.66 13.93
CA SER A 51 11.01 -13.87 14.82
C SER A 51 11.55 -12.52 15.32
N TYR A 52 12.30 -12.57 16.41
CA TYR A 52 12.96 -11.38 16.90
C TYR A 52 13.90 -10.81 15.83
N ARG A 53 14.65 -11.71 15.16
CA ARG A 53 15.47 -11.31 14.00
C ARG A 53 14.69 -10.45 13.00
N ARG A 54 13.55 -10.94 12.52
N ARG A 54 13.55 -10.93 12.47
CA ARG A 54 12.80 -10.19 11.50
CA ARG A 54 12.79 -10.19 11.50
C ARG A 54 12.28 -8.86 12.01
C ARG A 54 12.29 -8.85 12.01
N ALA A 55 11.75 -8.85 13.22
CA ALA A 55 11.37 -7.60 13.87
C ALA A 55 12.56 -6.64 14.05
N TRP A 56 13.68 -7.15 14.54
CA TRP A 56 14.82 -6.31 14.83
C TRP A 56 15.36 -5.70 13.51
N LEU A 57 15.40 -6.49 12.44
CA LEU A 57 15.76 -5.98 11.12
C LEU A 57 14.84 -4.82 10.64
N LEU A 58 13.56 -4.83 11.00
CA LEU A 58 12.68 -3.69 10.71
C LEU A 58 13.08 -2.45 11.51
N VAL A 59 13.37 -2.67 12.80
CA VAL A 59 13.95 -1.63 13.67
C VAL A 59 15.23 -1.05 13.10
N ASP A 60 16.12 -1.94 12.72
CA ASP A 60 17.38 -1.52 12.11
C ASP A 60 17.18 -0.71 10.81
N ALA A 61 16.26 -1.16 9.97
CA ALA A 61 15.87 -0.37 8.79
C ALA A 61 15.40 1.06 9.15
N LEU A 62 14.48 1.16 10.12
CA LEU A 62 13.99 2.44 10.63
C LEU A 62 15.07 3.34 11.17
N ASN A 63 16.08 2.76 11.81
CA ASN A 63 17.18 3.52 12.37
C ASN A 63 18.26 3.90 11.37
N HIS A 64 18.07 3.53 10.10
CA HIS A 64 19.02 3.97 9.09
C HIS A 64 18.32 4.71 7.96
N MSE A 65 16.99 4.70 7.95
CA MSE A 65 16.26 5.44 6.89
C MSE A 65 16.27 6.97 7.06
O MSE A 65 16.09 7.69 6.08
CB MSE A 65 14.82 4.95 6.71
CG MSE A 65 14.72 3.62 5.97
SE MSE A 65 13.00 2.64 6.44
CE MSE A 65 11.70 3.84 5.57
N PHE A 66 16.49 7.45 8.28
CA PHE A 66 16.33 8.88 8.55
C PHE A 66 17.60 9.40 9.15
N ARG A 67 17.69 10.71 9.34
CA ARG A 67 18.87 11.38 9.88
C ARG A 67 19.02 11.09 11.36
N GLN A 68 17.90 10.90 12.04
CA GLN A 68 17.90 10.54 13.44
C GLN A 68 17.30 9.12 13.57
N PRO A 69 17.72 8.39 14.62
CA PRO A 69 17.14 7.11 15.03
C PRO A 69 15.65 7.25 15.32
N VAL A 70 14.90 6.17 15.08
CA VAL A 70 13.46 6.14 15.30
C VAL A 70 13.14 5.42 16.61
N ILE A 71 13.94 4.42 16.93
CA ILE A 71 13.75 3.56 18.09
C ILE A 71 15.06 3.55 18.89
N CYS A 72 14.99 3.43 20.20
CA CYS A 72 16.21 3.38 21.00
C CYS A 72 16.03 2.47 22.18
N SER A 73 17.13 2.00 22.76
CA SER A 73 17.06 1.19 23.98
C SER A 73 16.73 2.08 25.18
N GLN A 74 16.31 1.44 26.26
CA GLN A 74 16.22 2.07 27.58
C GLN A 74 16.35 0.99 28.65
N ARG A 75 16.25 1.38 29.93
CA ARG A 75 16.29 0.43 31.05
C ARG A 75 14.95 -0.28 31.26
N GLY A 82 12.85 -3.33 26.83
CA GLY A 82 13.79 -2.22 26.85
C GLY A 82 13.91 -1.44 25.53
N ALA A 83 12.78 -0.98 24.99
CA ALA A 83 12.79 -0.16 23.77
C ALA A 83 11.78 1.00 23.84
N ALA A 84 12.06 2.06 23.08
CA ALA A 84 11.18 3.21 22.98
C ALA A 84 11.29 3.95 21.64
N LEU A 85 10.27 4.74 21.32
CA LEU A 85 10.35 5.69 20.22
C LEU A 85 11.18 6.89 20.66
N THR A 86 12.05 7.38 19.79
CA THR A 86 12.75 8.63 20.06
C THR A 86 11.74 9.78 19.86
N VAL A 87 12.12 11.00 20.25
CA VAL A 87 11.32 12.19 19.89
C VAL A 87 10.99 12.16 18.39
N PHE A 88 12.00 11.98 17.54
CA PHE A 88 11.78 11.83 16.11
C PHE A 88 10.85 10.66 15.74
N GLY A 89 11.00 9.53 16.41
CA GLY A 89 10.16 8.37 16.12
C GLY A 89 8.69 8.65 16.36
N ALA A 90 8.41 9.33 17.48
CA ALA A 90 7.05 9.73 17.80
C ALA A 90 6.52 10.70 16.76
N GLU A 91 7.39 11.60 16.29
CA GLU A 91 7.04 12.55 15.24
C GLU A 91 6.71 11.84 13.93
N LEU A 92 7.56 10.88 13.54
CA LEU A 92 7.32 10.02 12.38
C LEU A 92 5.98 9.28 12.42
N LEU A 93 5.70 8.64 13.53
CA LEU A 93 4.41 8.00 13.75
C LEU A 93 3.19 8.98 13.64
N GLU A 94 3.25 10.15 14.26
CA GLU A 94 2.16 11.13 14.14
C GLU A 94 1.97 11.63 12.70
N ARG A 95 3.06 11.92 12.05
CA ARG A 95 3.03 12.33 10.67
C ARG A 95 2.46 11.24 9.76
N TYR A 96 2.79 9.98 9.98
CA TYR A 96 2.13 8.93 9.16
C TYR A 96 0.63 8.89 9.45
N ARG A 97 0.22 9.08 10.71
CA ARG A 97 -1.20 9.09 11.03
C ARG A 97 -1.90 10.25 10.30
N GLY A 98 -1.25 11.42 10.29
CA GLY A 98 -1.77 12.57 9.59
C GLY A 98 -1.89 12.34 8.09
N MSE A 99 -0.85 11.80 7.48
CA MSE A 99 -0.91 11.38 6.10
C MSE A 99 -2.08 10.46 5.80
O MSE A 99 -2.82 10.70 4.84
CB MSE A 99 0.38 10.69 5.69
CG MSE A 99 1.56 11.63 5.69
SE MSE A 99 3.21 10.66 5.26
CE MSE A 99 2.97 10.52 3.32
N GLU A 100 -2.29 9.43 6.62
CA GLU A 100 -3.45 8.58 6.47
C GLU A 100 -4.77 9.36 6.46
N GLU A 101 -4.92 10.32 7.40
CA GLU A 101 -6.11 11.14 7.48
C GLU A 101 -6.28 12.00 6.23
N ARG A 102 -5.20 12.65 5.81
CA ARG A 102 -5.21 13.46 4.61
C ARG A 102 -5.53 12.69 3.32
N MSE A 103 -5.01 11.47 3.21
CA MSE A 103 -5.35 10.59 2.14
C MSE A 103 -6.82 10.20 2.13
O MSE A 103 -7.44 10.24 1.10
CB MSE A 103 -4.47 9.34 2.20
CG MSE A 103 -4.75 8.35 1.12
SE MSE A 103 -4.02 6.53 1.45
CE MSE A 103 -4.98 6.08 3.14
N ASN A 104 -7.37 9.83 3.29
CA ASN A 104 -8.77 9.49 3.40
C ASN A 104 -9.66 10.65 2.94
N GLU A 105 -9.37 11.87 3.43
CA GLU A 105 -10.11 13.05 3.06
C GLU A 105 -10.09 13.24 1.55
N ALA A 106 -8.91 13.18 0.96
CA ALA A 106 -8.74 13.42 -0.48
C ALA A 106 -9.44 12.38 -1.38
N LEU A 107 -9.49 11.15 -0.92
CA LEU A 107 -10.03 10.06 -1.69
C LEU A 107 -11.51 9.75 -1.42
N ARG A 108 -12.17 10.57 -0.62
CA ARG A 108 -13.50 10.25 -0.11
C ARG A 108 -14.50 10.01 -1.24
N GLU A 109 -14.52 10.89 -2.22
CA GLU A 109 -15.40 10.79 -3.37
C GLU A 109 -15.07 9.54 -4.24
N ASP A 110 -13.78 9.24 -4.37
CA ASP A 110 -13.36 8.08 -5.15
C ASP A 110 -13.80 6.76 -4.53
N ILE A 111 -13.66 6.70 -3.22
CA ILE A 111 -14.19 5.62 -2.41
C ILE A 111 -15.70 5.46 -2.57
N ASP A 112 -16.46 6.55 -2.49
CA ASP A 112 -17.90 6.48 -2.77
C ASP A 112 -18.20 5.84 -4.11
N TRP A 113 -17.43 6.18 -5.14
CA TRP A 113 -17.66 5.62 -6.45
C TRP A 113 -17.34 4.11 -6.49
N LEU A 114 -16.26 3.72 -5.84
CA LEU A 114 -15.90 2.32 -5.72
C LEU A 114 -16.99 1.59 -4.93
N GLU A 115 -17.52 2.25 -3.92
CA GLU A 115 -18.46 1.64 -3.04
C GLU A 115 -19.79 1.40 -3.81
N ALA A 116 -20.18 2.37 -4.64
CA ALA A 116 -21.40 2.23 -5.41
C ALA A 116 -21.25 1.10 -6.42
N ASN A 117 -20.01 0.88 -6.88
CA ASN A 117 -19.71 -0.11 -7.92
C ASN A 117 -19.32 -1.51 -7.44
N ARG A 118 -19.03 -1.61 -6.16
CA ARG A 118 -18.72 -2.81 -5.47
C ARG A 118 -19.88 -3.81 -5.51
N ASN A 119 -19.51 -5.05 -5.85
CA ASN A 119 -20.44 -6.14 -5.90
C ASN A 119 -21.05 -6.42 -4.51
N PRO A 120 -22.40 -6.38 -4.39
CA PRO A 120 -23.02 -6.65 -3.09
C PRO A 120 -22.80 -8.06 -2.52
N GLN A 121 -22.99 -9.10 -3.35
CA GLN A 121 -23.02 -10.53 -2.93
C GLN A 121 -23.93 -10.77 -1.73
N ARG B 7 19.04 9.54 -4.19
CA ARG B 7 18.66 10.65 -5.12
C ARG B 7 17.23 10.45 -5.60
N LEU B 8 16.80 9.19 -5.71
CA LEU B 8 15.45 8.87 -6.21
C LEU B 8 14.40 9.38 -5.22
N PRO B 9 13.25 9.86 -5.72
CA PRO B 9 12.26 10.48 -4.86
C PRO B 9 11.38 9.49 -4.09
N LEU B 10 11.01 9.83 -2.85
CA LEU B 10 9.97 9.10 -2.10
C LEU B 10 8.69 9.14 -2.89
N LYS B 11 7.88 8.12 -2.73
CA LYS B 11 6.70 7.94 -3.58
C LYS B 11 5.62 7.22 -2.77
N PRO B 12 4.50 7.91 -2.49
CA PRO B 12 3.39 7.23 -1.83
C PRO B 12 2.74 6.22 -2.78
N VAL B 13 2.22 5.14 -2.20
CA VAL B 13 1.65 4.07 -2.97
C VAL B 13 0.32 3.75 -2.32
N LEU B 14 -0.68 3.54 -3.17
CA LEU B 14 -2.06 3.29 -2.77
C LEU B 14 -2.49 1.84 -3.03
N ARG B 15 -3.16 1.24 -2.05
CA ARG B 15 -3.90 -0.01 -2.21
C ARG B 15 -5.24 0.22 -1.57
N ILE B 16 -6.30 -0.39 -2.11
CA ILE B 16 -7.61 -0.26 -1.48
C ILE B 16 -8.08 -1.61 -0.99
N ASP B 17 -8.41 -1.69 0.31
CA ASP B 17 -8.99 -2.91 0.84
C ASP B 17 -10.42 -3.09 0.41
N PHE B 18 -10.74 -4.31 -0.01
CA PHE B 18 -12.10 -4.76 -0.25
C PHE B 18 -12.47 -5.88 0.74
N PRO B 19 -12.82 -5.50 1.98
CA PRO B 19 -13.10 -6.53 2.97
C PRO B 19 -14.29 -7.41 2.56
N PRO B 20 -14.24 -8.73 2.93
CA PRO B 20 -13.11 -9.34 3.62
C PRO B 20 -12.21 -10.04 2.59
N GLY B 21 -10.91 -10.11 2.85
CA GLY B 21 -10.08 -10.94 1.96
C GLY B 21 -9.59 -10.33 0.64
N GLU B 22 -10.34 -9.43 0.00
CA GLU B 22 -9.81 -8.82 -1.24
C GLU B 22 -9.09 -7.45 -1.13
N ARG B 23 -8.28 -7.13 -2.14
CA ARG B 23 -7.52 -5.90 -2.23
C ARG B 23 -7.40 -5.45 -3.70
N LEU B 24 -7.42 -4.15 -3.93
CA LEU B 24 -7.15 -3.58 -5.24
C LEU B 24 -5.93 -2.70 -5.11
N GLY B 25 -4.81 -3.19 -5.62
CA GLY B 25 -3.58 -2.47 -5.56
C GLY B 25 -2.72 -2.71 -6.79
N HIS B 26 -1.41 -2.70 -6.57
CA HIS B 26 -0.46 -2.68 -7.61
C HIS B 26 -0.50 -3.93 -8.51
N GLY B 27 -0.74 -5.10 -7.94
CA GLY B 27 -0.81 -6.33 -8.76
C GLY B 27 -1.98 -6.33 -9.74
N LYS B 28 -3.17 -5.98 -9.28
CA LYS B 28 -4.33 -5.99 -10.13
C LYS B 28 -4.33 -4.81 -11.11
N VAL B 29 -3.86 -3.64 -10.65
CA VAL B 29 -3.73 -2.49 -11.52
C VAL B 29 -2.67 -2.74 -12.61
N GLU B 30 -1.51 -3.29 -12.23
CA GLU B 30 -0.49 -3.62 -13.22
C GLU B 30 -1.06 -4.61 -14.25
N LEU B 31 -1.76 -5.62 -13.77
CA LEU B 31 -2.43 -6.57 -14.65
C LEU B 31 -3.43 -5.91 -15.62
N MSE B 32 -4.31 -5.03 -15.12
CA MSE B 32 -5.16 -4.24 -16.01
C MSE B 32 -4.38 -3.43 -17.05
O MSE B 32 -4.74 -3.39 -18.23
CB MSE B 32 -6.06 -3.32 -15.23
CG MSE B 32 -7.13 -4.07 -14.47
SE MSE B 32 -8.26 -2.79 -13.45
CE MSE B 32 -7.04 -2.40 -11.96
N GLN B 33 -3.32 -2.79 -16.61
CA GLN B 33 -2.52 -1.98 -17.47
C GLN B 33 -1.85 -2.88 -18.53
N LEU B 34 -1.41 -4.06 -18.14
CA LEU B 34 -0.81 -4.99 -19.13
C LEU B 34 -1.80 -5.61 -20.11
N ILE B 35 -3.00 -5.90 -19.67
CA ILE B 35 -4.05 -6.39 -20.55
C ILE B 35 -4.33 -5.33 -21.61
N ALA B 36 -4.52 -4.11 -21.19
CA ALA B 36 -4.60 -2.99 -22.11
C ALA B 36 -3.45 -2.89 -23.12
N GLU B 37 -2.21 -3.20 -22.72
CA GLU B 37 -1.08 -2.99 -23.59
C GLU B 37 -0.81 -4.17 -24.52
N THR B 38 -1.21 -5.37 -24.09
CA THR B 38 -0.81 -6.61 -24.78
C THR B 38 -2.01 -7.32 -25.40
N GLY B 39 -3.19 -7.09 -24.86
CA GLY B 39 -4.38 -7.71 -25.38
C GLY B 39 -4.58 -9.16 -24.95
N SER B 40 -3.80 -9.63 -23.98
CA SER B 40 -3.96 -10.97 -23.47
C SER B 40 -3.56 -11.20 -21.99
N ILE B 41 -4.31 -12.12 -21.37
CA ILE B 41 -4.09 -12.51 -19.97
C ILE B 41 -2.73 -13.21 -19.86
N SER B 42 -2.44 -14.06 -20.83
CA SER B 42 -1.28 -14.86 -20.74
C SER B 42 -0.02 -14.01 -20.90
N ALA B 43 -0.05 -13.08 -21.86
CA ALA B 43 1.04 -12.13 -21.99
C ALA B 43 1.21 -11.30 -20.71
N ALA B 44 0.13 -10.88 -20.09
CA ALA B 44 0.21 -10.14 -18.82
C ALA B 44 0.80 -10.99 -17.69
N GLY B 45 0.41 -12.26 -17.58
CA GLY B 45 0.99 -13.09 -16.54
C GLY B 45 2.49 -13.22 -16.71
N ARG B 46 2.92 -13.49 -17.95
CA ARG B 46 4.32 -13.60 -18.27
C ARG B 46 5.04 -12.32 -17.90
N ALA B 47 4.47 -11.17 -18.24
CA ALA B 47 5.12 -9.90 -17.88
C ALA B 47 5.34 -9.82 -16.37
N MSE B 48 4.36 -10.24 -15.60
CA MSE B 48 4.47 -10.15 -14.15
C MSE B 48 5.22 -11.32 -13.56
O MSE B 48 5.43 -11.35 -12.36
CB MSE B 48 3.11 -10.02 -13.53
CG MSE B 48 2.44 -8.80 -14.00
SE MSE B 48 0.66 -8.53 -13.27
CE MSE B 48 -0.35 -9.90 -14.21
N ASP B 49 5.62 -12.27 -14.40
CA ASP B 49 6.44 -13.36 -13.94
C ASP B 49 5.61 -14.27 -13.02
N MSE B 50 4.36 -14.48 -13.38
CA MSE B 50 3.52 -15.41 -12.64
C MSE B 50 2.92 -16.39 -13.61
O MSE B 50 2.87 -16.11 -14.79
CB MSE B 50 2.44 -14.65 -11.84
CG MSE B 50 1.38 -13.97 -12.66
SE MSE B 50 0.00 -13.01 -11.59
CE MSE B 50 1.20 -11.60 -10.89
N SER B 51 2.46 -17.54 -13.12
CA SER B 51 1.84 -18.55 -13.95
C SER B 51 0.55 -18.00 -14.54
N TYR B 52 0.08 -18.60 -15.63
CA TYR B 52 -1.19 -18.20 -16.21
C TYR B 52 -2.28 -18.38 -15.18
N ARG B 53 -2.21 -19.47 -14.45
CA ARG B 53 -3.25 -19.77 -13.50
C ARG B 53 -3.45 -18.63 -12.48
N ARG B 54 -2.36 -18.18 -11.85
CA ARG B 54 -2.37 -17.00 -10.96
C ARG B 54 -2.96 -15.76 -11.64
N ALA B 55 -2.49 -15.44 -12.85
CA ALA B 55 -2.99 -14.30 -13.60
C ALA B 55 -4.51 -14.44 -13.87
N TRP B 56 -4.96 -15.64 -14.19
CA TRP B 56 -6.37 -15.86 -14.46
C TRP B 56 -7.22 -15.69 -13.18
N LEU B 57 -6.65 -16.05 -12.04
CA LEU B 57 -7.33 -15.89 -10.79
C LEU B 57 -7.44 -14.42 -10.36
N LEU B 58 -6.42 -13.60 -10.71
CA LEU B 58 -6.50 -12.16 -10.50
C LEU B 58 -7.63 -11.59 -11.38
N VAL B 59 -7.66 -11.99 -12.65
CA VAL B 59 -8.70 -11.56 -13.55
C VAL B 59 -10.07 -11.91 -13.01
N ASP B 60 -10.20 -13.13 -12.50
CA ASP B 60 -11.44 -13.63 -11.97
C ASP B 60 -11.90 -12.90 -10.72
N ALA B 61 -10.97 -12.61 -9.84
CA ALA B 61 -11.22 -11.77 -8.66
C ALA B 61 -11.70 -10.38 -9.07
N LEU B 62 -10.98 -9.71 -9.96
CA LEU B 62 -11.44 -8.43 -10.51
C LEU B 62 -12.85 -8.51 -11.11
N ASN B 63 -13.16 -9.57 -11.84
CA ASN B 63 -14.47 -9.68 -12.49
C ASN B 63 -15.58 -10.02 -11.52
N HIS B 64 -15.23 -10.23 -10.25
CA HIS B 64 -16.23 -10.44 -9.23
C HIS B 64 -16.23 -9.42 -8.10
N MSE B 65 -15.30 -8.46 -8.10
CA MSE B 65 -15.32 -7.41 -7.10
C MSE B 65 -16.39 -6.35 -7.33
O MSE B 65 -16.78 -5.65 -6.42
CB MSE B 65 -13.95 -6.77 -7.02
CG MSE B 65 -12.99 -7.57 -6.13
SE MSE B 65 -11.07 -7.06 -6.41
CE MSE B 65 -11.35 -5.12 -6.23
N PHE B 66 -16.85 -6.20 -8.55
CA PHE B 66 -17.70 -5.08 -8.92
C PHE B 66 -18.98 -5.61 -9.52
N ARG B 67 -19.93 -4.72 -9.75
CA ARG B 67 -21.25 -5.11 -10.27
C ARG B 67 -21.22 -5.58 -11.73
N GLN B 68 -20.09 -5.42 -12.38
CA GLN B 68 -19.97 -5.85 -13.75
C GLN B 68 -18.52 -6.22 -14.01
N PRO B 69 -18.27 -6.96 -15.10
CA PRO B 69 -16.89 -7.32 -15.37
C PRO B 69 -15.96 -6.16 -15.67
N VAL B 70 -14.71 -6.34 -15.23
CA VAL B 70 -13.59 -5.45 -15.51
C VAL B 70 -12.82 -5.82 -16.80
N ILE B 71 -12.73 -7.12 -17.11
CA ILE B 71 -11.97 -7.63 -18.23
C ILE B 71 -12.82 -8.64 -18.97
N CYS B 72 -12.81 -8.59 -20.30
CA CYS B 72 -13.58 -9.52 -21.07
C CYS B 72 -12.70 -10.12 -22.15
N SER B 73 -13.04 -11.32 -22.59
CA SER B 73 -12.29 -11.98 -23.65
C SER B 73 -12.54 -11.21 -24.96
N GLN B 74 -11.48 -11.05 -25.75
CA GLN B 74 -11.50 -10.22 -26.94
C GLN B 74 -11.01 -11.04 -28.12
N GLY B 81 -6.93 -16.29 -28.98
CA GLY B 81 -7.27 -15.81 -27.64
C GLY B 81 -7.78 -14.37 -27.61
N GLY B 82 -7.41 -13.65 -26.54
CA GLY B 82 -7.66 -12.22 -26.44
C GLY B 82 -8.32 -11.76 -25.16
N ALA B 83 -7.93 -10.59 -24.67
CA ALA B 83 -8.67 -9.94 -23.58
C ALA B 83 -8.57 -8.43 -23.72
N ALA B 84 -9.55 -7.73 -23.16
CA ALA B 84 -9.52 -6.27 -23.14
C ALA B 84 -10.16 -5.79 -21.86
N LEU B 85 -9.97 -4.52 -21.54
CA LEU B 85 -10.76 -3.93 -20.49
C LEU B 85 -12.16 -3.64 -21.03
N THR B 86 -13.17 -3.83 -20.21
CA THR B 86 -14.50 -3.36 -20.54
C THR B 86 -14.55 -1.81 -20.40
N VAL B 87 -15.63 -1.17 -20.82
CA VAL B 87 -15.65 0.25 -20.57
C VAL B 87 -15.56 0.61 -19.10
N PHE B 88 -16.27 -0.13 -18.25
CA PHE B 88 -16.11 0.00 -16.80
C PHE B 88 -14.66 -0.23 -16.34
N GLY B 89 -14.02 -1.28 -16.83
CA GLY B 89 -12.63 -1.58 -16.49
C GLY B 89 -11.66 -0.46 -16.82
N ALA B 90 -11.80 0.12 -18.00
CA ALA B 90 -10.95 1.23 -18.42
C ALA B 90 -11.21 2.45 -17.52
N GLU B 91 -12.41 2.56 -17.00
CA GLU B 91 -12.73 3.66 -16.11
C GLU B 91 -12.21 3.42 -14.70
N LEU B 92 -12.28 2.19 -14.26
CA LEU B 92 -11.70 1.80 -13.01
C LEU B 92 -10.19 2.17 -12.98
N LEU B 93 -9.45 1.78 -14.02
CA LEU B 93 -8.03 2.05 -14.14
C LEU B 93 -7.78 3.56 -14.18
N GLU B 94 -8.59 4.31 -14.94
CA GLU B 94 -8.41 5.75 -14.97
C GLU B 94 -8.72 6.37 -13.61
N ARG B 95 -9.69 5.79 -12.90
CA ARG B 95 -10.07 6.23 -11.59
C ARG B 95 -8.97 6.01 -10.57
N TYR B 96 -8.30 4.85 -10.65
CA TYR B 96 -7.21 4.59 -9.77
C TYR B 96 -6.05 5.55 -10.08
N ARG B 97 -5.77 5.89 -11.35
CA ARG B 97 -4.73 6.85 -11.65
C ARG B 97 -5.09 8.22 -11.06
N GLY B 98 -6.36 8.61 -11.11
CA GLY B 98 -6.86 9.83 -10.50
C GLY B 98 -6.70 9.86 -8.98
N MSE B 99 -6.99 8.74 -8.34
CA MSE B 99 -6.77 8.58 -6.91
C MSE B 99 -5.31 8.73 -6.49
O MSE B 99 -5.04 9.34 -5.47
CB MSE B 99 -7.30 7.24 -6.44
CG MSE B 99 -8.79 7.14 -6.54
SE MSE B 99 -9.39 5.33 -5.99
CE MSE B 99 -9.56 5.59 -4.04
N GLU B 100 -4.40 8.19 -7.29
CA GLU B 100 -2.98 8.32 -7.06
C GLU B 100 -2.53 9.78 -7.12
N GLU B 101 -3.05 10.53 -8.10
CA GLU B 101 -2.73 11.94 -8.24
C GLU B 101 -3.27 12.73 -7.06
N ARG B 102 -4.55 12.51 -6.74
CA ARG B 102 -5.19 13.15 -5.60
C ARG B 102 -4.47 12.87 -4.29
N MSE B 103 -4.05 11.63 -4.11
CA MSE B 103 -3.22 11.30 -2.98
C MSE B 103 -1.85 11.99 -3.02
O MSE B 103 -1.41 12.49 -2.01
CB MSE B 103 -3.06 9.79 -2.87
CG MSE B 103 -2.07 9.35 -1.81
SE MSE B 103 -1.60 7.42 -1.94
CE MSE B 103 -0.59 7.42 -3.65
N ASN B 104 -1.18 12.02 -4.17
CA ASN B 104 0.11 12.68 -4.25
C ASN B 104 0.02 14.15 -3.84
N GLU B 105 -1.05 14.83 -4.27
CA GLU B 105 -1.25 16.25 -4.00
C GLU B 105 -1.58 16.53 -2.55
N ALA B 106 -2.42 15.69 -1.94
CA ALA B 106 -2.77 15.82 -0.53
C ALA B 106 -1.55 15.55 0.37
N LEU B 107 -0.67 14.68 -0.08
CA LEU B 107 0.48 14.28 0.74
C LEU B 107 1.76 15.04 0.46
N ARG B 108 1.67 16.04 -0.38
CA ARG B 108 2.86 16.69 -0.87
C ARG B 108 3.76 17.34 0.22
N GLU B 109 3.16 18.11 1.14
CA GLU B 109 3.88 18.71 2.26
C GLU B 109 4.53 17.64 3.15
N ASP B 110 3.82 16.51 3.34
CA ASP B 110 4.27 15.36 4.13
C ASP B 110 5.42 14.61 3.54
N ILE B 111 5.37 14.39 2.22
CA ILE B 111 6.45 13.79 1.49
C ILE B 111 7.69 14.69 1.58
N ASP B 112 7.48 16.02 1.52
CA ASP B 112 8.59 16.94 1.69
C ASP B 112 9.26 16.80 3.03
N TRP B 113 8.45 16.69 4.10
CA TRP B 113 9.00 16.54 5.44
C TRP B 113 9.80 15.21 5.55
N LEU B 114 9.27 14.15 4.98
CA LEU B 114 9.98 12.88 4.87
C LEU B 114 11.31 13.02 4.13
N GLU B 115 11.29 13.72 2.97
CA GLU B 115 12.50 13.98 2.19
C GLU B 115 13.53 14.72 3.01
N ALA B 116 13.10 15.71 3.79
CA ALA B 116 14.02 16.51 4.60
C ALA B 116 14.63 15.67 5.71
N ASN B 117 13.89 14.72 6.27
CA ASN B 117 14.45 13.88 7.34
C ASN B 117 15.12 12.58 6.85
N ARG B 118 15.18 12.40 5.56
CA ARG B 118 15.74 11.18 4.97
C ARG B 118 17.24 11.09 5.16
N ASN B 119 17.77 9.88 5.30
CA ASN B 119 19.21 9.73 5.51
C ASN B 119 19.94 10.13 4.23
N PRO B 120 20.83 11.16 4.30
CA PRO B 120 21.66 11.52 3.14
C PRO B 120 22.31 10.26 2.55
N GLN B 121 22.72 9.38 3.48
CA GLN B 121 23.18 8.00 3.25
C GLN B 121 24.68 7.91 3.24
S SO4 C . 6.68 -2.18 5.69
O1 SO4 C . 5.51 -3.04 5.89
O2 SO4 C . 6.79 -1.84 4.30
O3 SO4 C . 6.49 -0.95 6.45
O4 SO4 C . 7.89 -2.94 6.16
S SO4 D . -0.06 -3.86 3.80
O1 SO4 D . -1.48 -3.88 4.11
O2 SO4 D . 0.29 -4.89 2.79
O3 SO4 D . 0.22 -2.51 3.30
O4 SO4 D . 0.75 -4.21 4.98
S SO4 E . 13.48 -16.16 10.88
O1 SO4 E . 12.78 -17.14 11.71
O2 SO4 E . 12.49 -15.28 10.22
O3 SO4 E . 14.42 -15.43 11.73
O4 SO4 E . 14.21 -16.83 9.80
S SO4 F . 20.68 2.59 21.22
O1 SO4 F . 19.94 3.57 22.01
O2 SO4 F . 21.63 3.24 20.32
O3 SO4 F . 21.44 1.72 22.11
O4 SO4 F . 19.74 1.79 20.43
C1 EDO G . 0.35 0.12 -0.65
O1 EDO G . 1.55 -0.67 -0.65
C2 EDO G . -0.32 -0.14 0.68
O2 EDO G . -0.62 -1.56 0.72
C1 EDO H . 5.19 20.71 8.15
O1 EDO H . 3.82 21.12 8.06
C2 EDO H . 5.62 20.80 9.61
O2 EDO H . 7.04 20.91 9.68
S SO4 I . -3.15 -6.46 -5.42
O1 SO4 I . -3.62 -6.09 -4.07
O2 SO4 I . -3.86 -5.64 -6.40
O3 SO4 I . -1.72 -6.22 -5.45
O4 SO4 I . -3.53 -7.85 -5.71
S SO4 J . 2.81 -2.44 -3.64
O1 SO4 J . 1.44 -1.95 -3.54
O2 SO4 J . 2.80 -3.90 -3.76
O3 SO4 J . 3.45 -1.80 -4.79
O4 SO4 J . 3.55 -2.03 -2.45
S SO4 K . -5.51 -14.93 -23.24
O1 SO4 K . -6.43 -15.81 -22.47
O2 SO4 K . -5.47 -15.25 -24.67
O3 SO4 K . -6.00 -13.56 -23.06
O4 SO4 K . -4.15 -15.13 -22.74
S SO4 L . -18.25 -3.48 -22.33
O1 SO4 L . -18.65 -2.86 -21.06
O2 SO4 L . -19.23 -3.14 -23.36
O3 SO4 L . -16.93 -2.98 -22.74
O4 SO4 L . -18.18 -4.94 -22.17
C1 EDO M . -0.56 -22.18 -9.75
O1 EDO M . 0.09 -22.86 -10.83
C2 EDO M . 0.44 -21.27 -9.05
O2 EDO M . 1.78 -21.64 -9.42
C1 EDO N . -28.39 -5.13 -4.58
O1 EDO N . -28.05 -4.69 -5.90
C2 EDO N . -28.02 -3.97 -3.69
O2 EDO N . -28.41 -2.88 -4.53
C1 EDO O . 11.72 18.99 9.71
O1 EDO O . 13.07 18.80 9.30
C2 EDO O . 11.16 20.25 9.05
O2 EDO O . 11.00 20.02 7.64
C1 EDO P . 18.34 12.97 -0.92
O1 EDO P . 18.61 13.28 0.47
C2 EDO P . 17.03 13.64 -1.37
O2 EDO P . 16.06 13.60 -0.29
#